data_9KQE
#
_entry.id   9KQE
#
loop_
_entity.id
_entity.type
_entity.pdbx_description
1 polymer 'Soluble cytochrome b562,Synaptic vesicular amine transporter'
2 non-polymer L-DOPAMINE
#
_entity_poly.entity_id   1
_entity_poly.type   'polypeptide(L)'
_entity_poly.pdbx_seq_one_letter_code
;MADLEDNWETLNDNLKVIEKADNAAQVKDALTKMRAAALDAQKATPPKLEDKSPDSPEMKDFRHGFDILVGQIDDALKLA
NEGKVKEAQAAAEQLKTTRNAYIQKYLLQESRRSRKLILFIVFLALLLDNMLLTVVVPIIPSYLYSIKHEKNATEIQTAR
PVHTASISDSFQSIFSYYDNSTMVTGNATRDLTLHQTATQHMVTNASAVPSDCPSEDKDLLNENVQVGLLFASKATVQLI
TNPFIGLLTNRIGYPIPIFAGFCIMFVSTIMFAFSSSYAFLLIARSLQGIGSSCSSVAGMGMLASVYTDDEERGNVMGIA
LGGLAMGVLVGPPFGSVLYEFVGKTAPFLVLAALVLLDGAIQLFVLQPSRVQPESQKGTPLTTLLKDPYILIAAGSICFA
NMGIAMLEPALPIWMMETMCSRKWQLGVAFLPASISYLIGTNIFGILAHKMGRWLCALLGMIIVGVSILCIPFAKNIYGL
IAPNFGVGFAIGMVDSSMMPIMGYLVDLRHVSVYGSVYAIADVAFCMGYAIGPSAGGAIAKAIGFPWLMTIIGIIDILFA
PLCFFLRSPPAKEEKMAILMDHNCPIKTKMYTQNNIQSYPIGEDEESESDHHHHHHHHHHGSVEDYKDDDDK
;
_entity_poly.pdbx_strand_id   A
#
# COMPACT_ATOMS: atom_id res chain seq x y z
N SER A 114 -11.01 19.52 -12.30
CA SER A 114 -9.99 20.20 -11.52
C SER A 114 -9.03 19.19 -10.91
N ARG A 115 -8.34 19.61 -9.84
CA ARG A 115 -7.34 18.73 -9.23
C ARG A 115 -7.96 17.85 -8.14
N LYS A 116 -8.89 18.39 -7.37
CA LYS A 116 -9.51 17.60 -6.31
C LYS A 116 -10.25 16.41 -6.87
N LEU A 117 -10.72 16.49 -8.11
CA LEU A 117 -11.33 15.33 -8.75
C LEU A 117 -10.29 14.27 -9.09
N ILE A 118 -9.08 14.67 -9.47
CA ILE A 118 -8.01 13.69 -9.64
C ILE A 118 -7.68 13.03 -8.30
N LEU A 119 -7.65 13.83 -7.23
CA LEU A 119 -7.40 13.26 -5.91
C LEU A 119 -8.48 12.27 -5.52
N PHE A 120 -9.74 12.58 -5.82
CA PHE A 120 -10.84 11.68 -5.50
C PHE A 120 -10.75 10.41 -6.34
N ILE A 121 -10.38 10.54 -7.62
CA ILE A 121 -10.23 9.36 -8.47
C ILE A 121 -9.14 8.43 -7.93
N VAL A 122 -7.99 8.99 -7.56
CA VAL A 122 -6.91 8.16 -7.01
C VAL A 122 -7.31 7.52 -5.69
N PHE A 123 -7.95 8.30 -4.81
CA PHE A 123 -8.44 7.75 -3.55
C PHE A 123 -9.39 6.59 -3.78
N LEU A 124 -10.34 6.76 -4.70
CA LEU A 124 -11.34 5.73 -4.95
C LEU A 124 -10.72 4.50 -5.59
N ALA A 125 -9.77 4.69 -6.51
CA ALA A 125 -9.09 3.54 -7.10
C ALA A 125 -8.37 2.73 -6.04
N LEU A 126 -7.62 3.40 -5.17
CA LEU A 126 -6.90 2.69 -4.12
C LEU A 126 -7.84 2.03 -3.12
N LEU A 127 -8.95 2.70 -2.79
CA LEU A 127 -9.93 2.14 -1.87
C LEU A 127 -10.56 0.88 -2.43
N LEU A 128 -10.99 0.92 -3.70
CA LEU A 128 -11.59 -0.28 -4.29
C LEU A 128 -10.56 -1.38 -4.48
N ASP A 129 -9.32 -1.03 -4.83
CA ASP A 129 -8.28 -2.05 -4.97
C ASP A 129 -8.07 -2.78 -3.65
N ASN A 130 -7.96 -2.05 -2.54
CA ASN A 130 -7.75 -2.71 -1.26
C ASN A 130 -9.00 -3.39 -0.72
N MET A 131 -10.19 -2.86 -1.01
CA MET A 131 -11.41 -3.57 -0.63
C MET A 131 -11.50 -4.91 -1.34
N LEU A 132 -11.13 -4.96 -2.61
CA LEU A 132 -11.11 -6.25 -3.32
C LEU A 132 -10.04 -7.16 -2.73
N LEU A 133 -8.81 -6.65 -2.57
CA LEU A 133 -7.75 -7.45 -1.99
C LEU A 133 -8.11 -8.03 -0.64
N THR A 134 -8.96 -7.36 0.13
CA THR A 134 -9.30 -7.84 1.46
C THR A 134 -10.61 -8.63 1.53
N VAL A 135 -11.51 -8.47 0.56
CA VAL A 135 -12.69 -9.34 0.54
C VAL A 135 -12.33 -10.69 -0.08
N VAL A 136 -11.25 -10.72 -0.86
CA VAL A 136 -10.82 -11.98 -1.44
C VAL A 136 -10.28 -12.87 -0.33
N VAL A 137 -9.66 -12.28 0.68
CA VAL A 137 -9.03 -13.07 1.75
C VAL A 137 -9.97 -14.02 2.49
N PRO A 138 -11.07 -13.49 3.05
CA PRO A 138 -11.93 -14.36 3.84
C PRO A 138 -12.64 -15.38 2.98
N ILE A 139 -13.04 -14.99 1.78
CA ILE A 139 -13.81 -15.89 0.91
C ILE A 139 -12.92 -16.87 0.14
N ILE A 140 -11.63 -16.57 0.01
CA ILE A 140 -10.75 -17.42 -0.77
C ILE A 140 -10.78 -18.88 -0.35
N PRO A 141 -10.69 -19.15 0.96
CA PRO A 141 -10.63 -20.56 1.34
C PRO A 141 -11.77 -21.33 0.71
N SER A 142 -12.99 -20.79 0.76
CA SER A 142 -14.13 -21.45 0.15
C SER A 142 -13.76 -22.08 -1.19
N GLY A 228 -1.26 -20.84 -0.99
CA GLY A 228 0.02 -20.24 -0.63
C GLY A 228 0.56 -19.32 -1.70
N LEU A 229 0.69 -19.85 -2.92
CA LEU A 229 1.12 -19.03 -4.04
C LEU A 229 0.08 -17.99 -4.41
N LEU A 230 -1.20 -18.33 -4.21
CA LEU A 230 -2.28 -17.40 -4.55
C LEU A 230 -2.21 -16.14 -3.70
N PHE A 231 -1.70 -16.25 -2.48
CA PHE A 231 -1.66 -15.09 -1.60
C PHE A 231 -0.60 -14.09 -2.05
N ALA A 232 0.54 -14.57 -2.53
CA ALA A 232 1.61 -13.71 -2.99
C ALA A 232 1.52 -13.39 -4.48
N SER A 233 0.55 -13.97 -5.19
CA SER A 233 0.48 -13.81 -6.64
C SER A 233 0.23 -12.37 -7.05
N LYS A 234 -0.77 -11.72 -6.44
CA LYS A 234 -1.07 -10.35 -6.80
C LYS A 234 0.12 -9.44 -6.54
N ALA A 235 0.69 -9.54 -5.34
CA ALA A 235 1.80 -8.66 -4.98
C ALA A 235 3.00 -8.88 -5.89
N THR A 236 3.32 -10.13 -6.23
CA THR A 236 4.49 -10.34 -7.07
C THR A 236 4.24 -9.90 -8.51
N VAL A 237 3.02 -10.07 -9.02
CA VAL A 237 2.77 -9.60 -10.38
C VAL A 237 2.78 -8.09 -10.43
N GLN A 238 2.27 -7.43 -9.39
CA GLN A 238 2.33 -5.97 -9.33
C GLN A 238 3.78 -5.49 -9.20
N LEU A 239 4.59 -6.20 -8.42
CA LEU A 239 6.00 -5.85 -8.32
C LEU A 239 6.71 -6.00 -9.66
N ILE A 240 6.33 -7.01 -10.44
CA ILE A 240 6.92 -7.18 -11.76
C ILE A 240 6.50 -6.05 -12.69
N THR A 241 5.22 -5.72 -12.72
CA THR A 241 4.70 -4.75 -13.69
C THR A 241 4.67 -3.32 -13.18
N ASN A 242 5.30 -3.02 -12.05
CA ASN A 242 5.45 -1.64 -11.62
C ASN A 242 6.42 -0.84 -12.51
N PRO A 243 7.67 -1.29 -12.71
CA PRO A 243 8.60 -0.46 -13.50
C PRO A 243 8.16 -0.28 -14.95
N PHE A 244 7.46 -1.27 -15.51
CA PHE A 244 6.94 -1.11 -16.86
C PHE A 244 5.94 0.04 -16.93
N ILE A 245 5.02 0.10 -15.96
CA ILE A 245 4.07 1.21 -15.92
C ILE A 245 4.80 2.52 -15.66
N GLY A 246 5.86 2.47 -14.85
CA GLY A 246 6.63 3.68 -14.60
C GLY A 246 7.26 4.24 -15.84
N LEU A 247 7.78 3.36 -16.70
CA LEU A 247 8.37 3.82 -17.96
C LEU A 247 7.31 4.09 -19.00
N LEU A 248 6.09 3.60 -18.78
CA LEU A 248 5.03 3.77 -19.77
C LEU A 248 4.28 5.09 -19.58
N THR A 249 4.10 5.52 -18.33
CA THR A 249 3.38 6.78 -18.09
C THR A 249 4.12 7.96 -18.69
N ASN A 250 5.43 7.83 -18.88
CA ASN A 250 6.19 8.90 -19.51
C ASN A 250 6.07 8.86 -21.02
N ARG A 251 5.55 7.76 -21.56
CA ARG A 251 5.44 7.63 -23.01
C ARG A 251 4.02 7.87 -23.51
N ILE A 252 2.99 7.49 -22.74
CA ILE A 252 1.64 7.72 -23.23
C ILE A 252 0.90 8.72 -22.36
N GLY A 253 1.43 9.01 -21.18
CA GLY A 253 0.79 9.92 -20.25
C GLY A 253 0.25 9.17 -19.05
N TYR A 254 -0.30 9.93 -18.12
CA TYR A 254 -0.93 9.36 -16.94
C TYR A 254 -2.37 8.89 -17.17
N PRO A 255 -3.22 9.63 -17.90
CA PRO A 255 -4.63 9.23 -18.01
C PRO A 255 -4.90 7.85 -18.58
N ILE A 256 -4.07 7.36 -19.49
CA ILE A 256 -4.38 6.08 -20.15
C ILE A 256 -3.97 4.89 -19.29
N PRO A 257 -2.76 4.83 -18.72
CA PRO A 257 -2.45 3.70 -17.83
C PRO A 257 -3.14 3.77 -16.49
N ILE A 258 -3.77 4.90 -16.14
CA ILE A 258 -4.61 4.92 -14.95
C ILE A 258 -6.03 4.49 -15.25
N PHE A 259 -6.49 4.64 -16.49
CA PHE A 259 -7.81 4.16 -16.89
C PHE A 259 -7.80 2.68 -17.26
N ALA A 260 -6.71 2.18 -17.81
CA ALA A 260 -6.60 0.73 -18.01
C ALA A 260 -6.62 0.01 -16.67
N GLY A 261 -6.38 0.73 -15.59
CA GLY A 261 -6.43 0.14 -14.27
C GLY A 261 -7.83 -0.08 -13.77
N PHE A 262 -8.85 0.42 -14.47
CA PHE A 262 -10.22 0.15 -14.09
C PHE A 262 -10.79 -0.94 -14.96
N CYS A 263 -10.28 -1.08 -16.17
CA CYS A 263 -10.72 -2.15 -17.04
C CYS A 263 -10.07 -3.43 -16.63
N ILE A 264 -8.86 -3.37 -16.09
CA ILE A 264 -8.23 -4.59 -15.59
C ILE A 264 -8.79 -4.99 -14.23
N MET A 265 -9.01 -4.03 -13.33
CA MET A 265 -9.60 -4.37 -12.05
C MET A 265 -11.06 -4.81 -12.17
N PHE A 266 -11.80 -4.28 -13.13
CA PHE A 266 -13.17 -4.74 -13.35
C PHE A 266 -13.19 -6.15 -13.91
N VAL A 267 -12.29 -6.46 -14.85
CA VAL A 267 -12.21 -7.83 -15.36
C VAL A 267 -11.81 -8.78 -14.24
N SER A 268 -10.87 -8.39 -13.40
CA SER A 268 -10.48 -9.24 -12.28
C SER A 268 -11.65 -9.46 -11.34
N THR A 269 -12.36 -8.39 -11.01
CA THR A 269 -13.48 -8.49 -10.08
C THR A 269 -14.53 -9.46 -10.59
N ILE A 270 -15.00 -9.28 -11.82
CA ILE A 270 -15.96 -10.22 -12.37
C ILE A 270 -15.40 -11.63 -12.52
N MET A 271 -14.10 -11.78 -12.78
CA MET A 271 -13.53 -13.11 -12.84
C MET A 271 -13.48 -13.79 -11.48
N PHE A 272 -13.42 -13.02 -10.40
CA PHE A 272 -13.47 -13.61 -9.07
C PHE A 272 -14.85 -14.18 -8.77
N ALA A 273 -15.91 -13.52 -9.23
CA ALA A 273 -17.26 -13.89 -8.82
C ALA A 273 -17.79 -15.11 -9.54
N PHE A 274 -17.23 -15.46 -10.70
CA PHE A 274 -17.73 -16.57 -11.49
C PHE A 274 -16.66 -17.63 -11.72
N SER A 275 -15.85 -17.91 -10.71
CA SER A 275 -14.75 -18.84 -10.84
C SER A 275 -14.80 -19.92 -9.76
N SER A 276 -14.43 -21.13 -10.14
CA SER A 276 -14.35 -22.27 -9.25
C SER A 276 -12.95 -22.84 -9.17
N SER A 277 -12.26 -22.95 -10.30
CA SER A 277 -10.97 -23.60 -10.35
C SER A 277 -9.91 -22.76 -9.63
N TYR A 278 -8.80 -23.41 -9.29
CA TYR A 278 -7.67 -22.71 -8.69
C TYR A 278 -6.88 -21.91 -9.71
N ALA A 279 -6.74 -22.43 -10.93
CA ALA A 279 -6.05 -21.67 -11.96
C ALA A 279 -6.76 -20.36 -12.25
N PHE A 280 -8.09 -20.37 -12.24
CA PHE A 280 -8.82 -19.15 -12.56
C PHE A 280 -8.74 -18.14 -11.42
N LEU A 281 -8.71 -18.61 -10.17
CA LEU A 281 -8.48 -17.68 -9.07
C LEU A 281 -7.08 -17.08 -9.14
N LEU A 282 -6.09 -17.88 -9.53
CA LEU A 282 -4.74 -17.35 -9.70
C LEU A 282 -4.69 -16.31 -10.81
N ILE A 283 -5.40 -16.57 -11.91
CA ILE A 283 -5.45 -15.61 -13.00
C ILE A 283 -6.14 -14.33 -12.55
N ALA A 284 -7.23 -14.45 -11.79
CA ALA A 284 -7.93 -13.27 -11.31
C ALA A 284 -7.05 -12.44 -10.39
N ARG A 285 -6.31 -13.08 -9.51
CA ARG A 285 -5.43 -12.35 -8.60
C ARG A 285 -4.23 -11.73 -9.34
N SER A 286 -3.72 -12.35 -10.39
CA SER A 286 -2.67 -11.73 -11.18
C SER A 286 -3.20 -10.53 -11.97
N LEU A 287 -4.42 -10.64 -12.51
CA LEU A 287 -5.02 -9.49 -13.18
C LEU A 287 -5.25 -8.35 -12.20
N GLN A 288 -5.69 -8.66 -10.98
CA GLN A 288 -5.80 -7.62 -9.97
C GLN A 288 -4.45 -7.00 -9.69
N GLY A 289 -3.40 -7.79 -9.72
CA GLY A 289 -2.06 -7.24 -9.52
C GLY A 289 -1.68 -6.25 -10.61
N ILE A 290 -1.92 -6.61 -11.87
CA ILE A 290 -1.61 -5.69 -12.97
C ILE A 290 -2.44 -4.41 -12.86
N GLY A 291 -3.73 -4.55 -12.62
CA GLY A 291 -4.55 -3.38 -12.43
C GLY A 291 -3.98 -2.49 -11.34
N SER A 292 -3.94 -3.00 -10.11
CA SER A 292 -3.38 -2.23 -9.01
C SER A 292 -2.08 -1.56 -9.37
N SER A 293 -1.20 -2.22 -10.09
CA SER A 293 0.04 -1.55 -10.53
C SER A 293 -0.28 -0.34 -11.33
N CYS A 294 -1.11 -0.52 -12.34
CA CYS A 294 -1.52 0.62 -13.15
C CYS A 294 -2.12 1.72 -12.28
N SER A 295 -3.12 1.42 -11.48
CA SER A 295 -3.78 2.47 -10.69
C SER A 295 -2.96 3.10 -9.58
N SER A 296 -2.09 2.35 -8.93
CA SER A 296 -1.25 2.99 -7.93
C SER A 296 -0.15 3.82 -8.55
N VAL A 297 0.63 3.25 -9.47
CA VAL A 297 1.74 4.02 -10.04
C VAL A 297 1.25 5.20 -10.85
N ALA A 298 0.31 5.00 -11.79
CA ALA A 298 -0.14 6.10 -12.62
C ALA A 298 -0.90 7.14 -11.79
N GLY A 299 -1.62 6.72 -10.76
CA GLY A 299 -2.37 7.68 -9.96
C GLY A 299 -1.48 8.51 -9.06
N MET A 300 -0.49 7.89 -8.43
CA MET A 300 0.44 8.67 -7.62
C MET A 300 1.28 9.58 -8.50
N GLY A 301 1.68 9.11 -9.69
CA GLY A 301 2.35 9.99 -10.62
C GLY A 301 1.50 11.18 -11.03
N MET A 302 0.21 10.94 -11.30
CA MET A 302 -0.68 12.03 -11.67
C MET A 302 -0.85 13.02 -10.52
N LEU A 303 -1.02 12.50 -9.30
CA LEU A 303 -1.16 13.37 -8.14
C LEU A 303 0.09 14.24 -7.95
N ALA A 304 1.26 13.64 -8.11
CA ALA A 304 2.49 14.42 -7.95
C ALA A 304 2.68 15.40 -9.09
N SER A 305 2.09 15.13 -10.24
CA SER A 305 2.26 16.00 -11.40
C SER A 305 1.31 17.15 -11.35
N VAL A 306 0.16 16.94 -10.74
CA VAL A 306 -0.87 17.98 -10.67
C VAL A 306 -0.68 18.87 -9.45
N TYR A 307 -0.48 18.27 -8.28
CA TYR A 307 -0.17 19.02 -7.07
C TYR A 307 1.33 19.29 -6.98
N THR A 308 1.78 20.23 -7.82
CA THR A 308 3.20 20.41 -8.05
C THR A 308 3.86 21.25 -6.97
N ASP A 309 3.21 21.43 -5.83
CA ASP A 309 3.77 22.18 -4.72
C ASP A 309 4.11 21.23 -3.59
N ASP A 310 5.26 21.47 -2.96
CA ASP A 310 5.75 20.53 -1.94
C ASP A 310 4.80 20.43 -0.76
N GLU A 311 4.17 21.55 -0.38
CA GLU A 311 3.26 21.52 0.76
C GLU A 311 1.96 20.81 0.41
N GLU A 312 1.39 21.10 -0.76
CA GLU A 312 0.11 20.50 -1.14
C GLU A 312 0.28 19.02 -1.46
N ARG A 313 1.40 18.67 -2.09
CA ARG A 313 1.64 17.27 -2.45
C ARG A 313 1.63 16.40 -1.20
N GLY A 314 2.15 16.92 -0.10
CA GLY A 314 2.16 16.16 1.14
C GLY A 314 0.78 15.69 1.55
N ASN A 315 -0.17 16.62 1.68
CA ASN A 315 -1.47 16.23 2.21
C ASN A 315 -2.30 15.50 1.17
N VAL A 316 -2.08 15.77 -0.12
CA VAL A 316 -2.84 14.98 -1.09
C VAL A 316 -2.31 13.54 -1.14
N MET A 317 -1.01 13.34 -0.96
CA MET A 317 -0.49 11.98 -0.81
C MET A 317 -1.04 11.36 0.46
N GLY A 318 -1.16 12.14 1.53
CA GLY A 318 -1.74 11.63 2.76
C GLY A 318 -3.16 11.13 2.57
N ILE A 319 -3.97 11.90 1.83
CA ILE A 319 -5.35 11.51 1.61
C ILE A 319 -5.44 10.28 0.72
N ALA A 320 -4.68 10.27 -0.38
CA ALA A 320 -4.68 9.10 -1.25
C ALA A 320 -4.21 7.86 -0.51
N LEU A 321 -3.27 8.02 0.43
CA LEU A 321 -2.79 6.87 1.18
C LEU A 321 -3.83 6.40 2.20
N GLY A 322 -4.46 7.34 2.90
CA GLY A 322 -5.59 6.99 3.74
C GLY A 322 -6.69 6.28 2.98
N GLY A 323 -6.71 6.43 1.66
CA GLY A 323 -7.55 5.57 0.83
C GLY A 323 -7.31 4.09 1.08
N LEU A 324 -6.04 3.69 1.18
CA LEU A 324 -5.74 2.27 1.42
C LEU A 324 -6.23 1.82 2.79
N ALA A 325 -6.09 2.68 3.79
CA ALA A 325 -6.56 2.35 5.13
C ALA A 325 -8.08 2.20 5.15
N MET A 326 -8.78 3.14 4.52
CA MET A 326 -10.24 3.04 4.48
C MET A 326 -10.68 1.83 3.67
N GLY A 327 -9.87 1.41 2.69
CA GLY A 327 -10.21 0.22 1.94
C GLY A 327 -10.01 -1.06 2.72
N VAL A 328 -8.89 -1.17 3.44
CA VAL A 328 -8.64 -2.35 4.25
C VAL A 328 -9.63 -2.42 5.41
N LEU A 329 -10.00 -1.26 5.96
CA LEU A 329 -10.79 -1.23 7.18
C LEU A 329 -12.24 -1.62 6.92
N VAL A 330 -12.78 -1.22 5.77
CA VAL A 330 -14.17 -1.47 5.44
C VAL A 330 -14.30 -2.66 4.49
N GLY A 331 -13.22 -3.39 4.28
CA GLY A 331 -13.22 -4.52 3.39
C GLY A 331 -13.91 -5.75 3.96
N PRO A 332 -13.38 -6.29 5.06
CA PRO A 332 -13.92 -7.54 5.62
C PRO A 332 -15.39 -7.43 5.99
N PRO A 333 -15.84 -6.37 6.69
CA PRO A 333 -17.25 -6.36 7.10
C PRO A 333 -18.19 -6.32 5.92
N PHE A 334 -17.95 -5.43 4.96
CA PHE A 334 -18.77 -5.37 3.75
C PHE A 334 -18.78 -6.73 3.05
N GLY A 335 -17.61 -7.33 2.88
CA GLY A 335 -17.52 -8.62 2.23
C GLY A 335 -18.34 -9.68 2.94
N SER A 336 -18.24 -9.75 4.25
CA SER A 336 -18.98 -10.76 4.98
C SER A 336 -20.47 -10.54 4.88
N VAL A 337 -20.92 -9.34 5.17
CA VAL A 337 -22.36 -9.10 5.22
C VAL A 337 -22.97 -9.36 3.86
N LEU A 338 -22.36 -8.86 2.79
CA LEU A 338 -22.91 -9.10 1.46
C LEU A 338 -22.75 -10.56 1.06
N TYR A 339 -21.75 -11.24 1.61
CA TYR A 339 -21.58 -12.66 1.32
C TYR A 339 -22.73 -13.48 1.86
N GLU A 340 -23.00 -13.37 3.16
CA GLU A 340 -23.93 -14.32 3.76
C GLU A 340 -25.37 -13.82 3.72
N PHE A 341 -25.60 -12.50 3.72
CA PHE A 341 -26.97 -12.04 3.67
C PHE A 341 -27.55 -12.03 2.27
N VAL A 342 -26.71 -12.14 1.23
CA VAL A 342 -27.22 -12.19 -0.13
C VAL A 342 -26.73 -13.45 -0.84
N GLY A 343 -25.42 -13.60 -0.99
CA GLY A 343 -24.90 -14.76 -1.66
C GLY A 343 -23.40 -14.68 -1.83
N LYS A 344 -22.80 -15.77 -2.32
CA LYS A 344 -21.34 -15.82 -2.46
C LYS A 344 -20.83 -15.10 -3.68
N THR A 345 -21.72 -14.81 -4.63
CA THR A 345 -21.27 -13.99 -5.75
C THR A 345 -21.58 -12.52 -5.51
N ALA A 346 -22.38 -12.23 -4.49
CA ALA A 346 -22.81 -10.87 -4.18
C ALA A 346 -21.66 -9.91 -3.91
N PRO A 347 -20.68 -10.24 -3.05
CA PRO A 347 -19.64 -9.25 -2.72
C PRO A 347 -18.90 -8.77 -3.94
N PHE A 348 -18.51 -9.70 -4.80
CA PHE A 348 -17.74 -9.35 -5.97
C PHE A 348 -18.58 -8.66 -7.04
N LEU A 349 -19.85 -8.99 -7.19
CA LEU A 349 -20.66 -8.27 -8.16
C LEU A 349 -20.94 -6.83 -7.70
N VAL A 350 -21.16 -6.64 -6.40
CA VAL A 350 -21.36 -5.27 -5.92
C VAL A 350 -20.08 -4.47 -6.01
N LEU A 351 -18.94 -5.10 -5.70
CA LEU A 351 -17.65 -4.42 -5.89
C LEU A 351 -17.39 -4.13 -7.36
N ALA A 352 -17.88 -4.98 -8.25
CA ALA A 352 -17.76 -4.71 -9.68
C ALA A 352 -18.60 -3.52 -10.09
N ALA A 353 -19.81 -3.41 -9.56
CA ALA A 353 -20.63 -2.22 -9.82
C ALA A 353 -19.95 -0.97 -9.31
N LEU A 354 -19.34 -1.04 -8.12
CA LEU A 354 -18.61 0.11 -7.60
C LEU A 354 -17.43 0.47 -8.49
N VAL A 355 -16.68 -0.54 -8.96
CA VAL A 355 -15.57 -0.29 -9.86
C VAL A 355 -16.06 0.33 -11.17
N LEU A 356 -17.24 -0.05 -11.62
CA LEU A 356 -17.78 0.55 -12.82
C LEU A 356 -18.13 2.00 -12.59
N LEU A 357 -18.78 2.31 -11.48
CA LEU A 357 -19.08 3.71 -11.19
C LEU A 357 -17.80 4.54 -11.09
N ASP A 358 -16.77 4.01 -10.44
CA ASP A 358 -15.50 4.70 -10.36
C ASP A 358 -14.89 4.87 -11.75
N GLY A 359 -15.06 3.88 -12.62
CA GLY A 359 -14.57 4.01 -13.98
C GLY A 359 -15.34 5.04 -14.79
N ALA A 360 -16.64 5.17 -14.51
CA ALA A 360 -17.41 6.24 -15.15
C ALA A 360 -16.91 7.60 -14.71
N ILE A 361 -16.67 7.78 -13.41
CA ILE A 361 -16.06 9.01 -12.93
C ILE A 361 -14.70 9.23 -13.59
N GLN A 362 -13.92 8.18 -13.78
CA GLN A 362 -12.62 8.30 -14.41
C GLN A 362 -12.76 8.78 -15.83
N LEU A 363 -13.66 8.15 -16.59
CA LEU A 363 -13.86 8.52 -17.98
C LEU A 363 -14.45 9.90 -18.14
N PHE A 364 -15.17 10.41 -17.14
CA PHE A 364 -15.73 11.75 -17.21
C PHE A 364 -14.80 12.83 -16.70
N VAL A 365 -13.80 12.48 -15.89
CA VAL A 365 -12.86 13.47 -15.39
C VAL A 365 -11.59 13.49 -16.24
N LEU A 366 -10.99 12.31 -16.45
CA LEU A 366 -9.68 12.26 -17.09
C LEU A 366 -9.79 12.38 -18.60
N GLN A 367 -10.81 11.75 -19.20
CA GLN A 367 -10.97 11.69 -20.65
C GLN A 367 -9.73 11.08 -21.27
N PRO A 368 -9.53 9.77 -21.13
CA PRO A 368 -8.28 9.15 -21.57
C PRO A 368 -8.22 8.90 -23.07
N SER A 369 -9.06 9.60 -23.83
CA SER A 369 -9.23 9.29 -25.25
C SER A 369 -7.91 9.30 -26.01
N ARG A 370 -7.10 10.33 -25.85
CA ARG A 370 -5.87 10.43 -26.65
C ARG A 370 -4.55 10.22 -25.92
N VAL A 371 -3.57 9.64 -26.60
CA VAL A 371 -2.24 9.46 -26.02
C VAL A 371 -1.46 10.75 -26.00
N GLN A 372 -1.05 11.20 -24.83
CA GLN A 372 -0.28 12.44 -24.68
C GLN A 372 1.03 12.15 -23.97
N PRO A 373 2.16 12.15 -24.66
CA PRO A 373 3.43 11.88 -23.99
C PRO A 373 3.85 13.07 -23.13
N GLU A 374 4.74 12.80 -22.18
CA GLU A 374 5.24 13.86 -21.33
C GLU A 374 6.05 14.85 -22.14
N SER A 375 6.16 16.07 -21.62
CA SER A 375 6.88 17.12 -22.35
C SER A 375 8.36 16.81 -22.43
N GLN A 376 8.93 16.23 -21.38
CA GLN A 376 10.34 15.93 -21.34
C GLN A 376 10.55 14.48 -20.92
N LYS A 377 11.61 13.87 -21.43
CA LYS A 377 11.88 12.48 -21.12
C LYS A 377 12.39 12.33 -19.73
N GLY A 378 11.69 11.54 -18.95
CA GLY A 378 12.09 11.36 -17.57
C GLY A 378 13.39 10.59 -17.44
N THR A 379 14.08 10.84 -16.33
CA THR A 379 15.35 10.18 -16.08
C THR A 379 15.16 8.67 -16.01
N PRO A 380 16.11 7.89 -16.53
CA PRO A 380 15.93 6.43 -16.56
C PRO A 380 15.79 5.85 -15.17
N LEU A 381 15.36 4.59 -15.13
CA LEU A 381 15.10 3.95 -13.85
C LEU A 381 16.39 3.60 -13.12
N THR A 382 17.44 3.23 -13.86
CA THR A 382 18.69 2.84 -13.21
C THR A 382 19.35 4.03 -12.53
N THR A 383 19.34 5.19 -13.19
CA THR A 383 19.90 6.39 -12.58
C THR A 383 19.18 6.76 -11.30
N LEU A 384 17.85 6.59 -11.28
CA LEU A 384 17.10 6.78 -10.05
C LEU A 384 17.55 5.78 -8.99
N LEU A 385 17.69 4.51 -9.38
CA LEU A 385 18.04 3.49 -8.40
C LEU A 385 19.46 3.62 -7.89
N LYS A 386 20.29 4.42 -8.52
CA LYS A 386 21.63 4.61 -8.00
C LYS A 386 21.69 5.79 -7.04
N ASP A 387 20.56 6.43 -6.79
CA ASP A 387 20.55 7.60 -5.92
C ASP A 387 20.46 7.16 -4.48
N PRO A 388 21.42 7.58 -3.67
CA PRO A 388 21.44 7.14 -2.29
C PRO A 388 20.21 7.59 -1.53
N TYR A 389 19.56 8.67 -1.94
CA TYR A 389 18.43 9.23 -1.21
C TYR A 389 17.12 8.58 -1.63
N ILE A 390 16.93 8.35 -2.93
CA ILE A 390 15.75 7.62 -3.37
C ILE A 390 15.77 6.22 -2.81
N LEU A 391 16.96 5.62 -2.69
CA LEU A 391 17.07 4.30 -2.09
C LEU A 391 16.73 4.33 -0.61
N ILE A 392 17.12 5.39 0.10
CA ILE A 392 16.81 5.48 1.52
C ILE A 392 15.31 5.63 1.73
N ALA A 393 14.67 6.48 0.92
CA ALA A 393 13.22 6.61 1.03
C ALA A 393 12.52 5.29 0.73
N ALA A 394 12.89 4.65 -0.38
CA ALA A 394 12.28 3.37 -0.73
C ALA A 394 12.55 2.31 0.33
N GLY A 395 13.72 2.34 0.95
CA GLY A 395 14.03 1.35 1.97
C GLY A 395 13.25 1.57 3.25
N SER A 396 12.97 2.82 3.59
CA SER A 396 12.17 3.09 4.77
C SER A 396 10.75 2.64 4.56
N ILE A 397 10.20 2.92 3.39
CA ILE A 397 8.85 2.42 3.07
C ILE A 397 8.85 0.90 3.00
N CYS A 398 9.88 0.30 2.45
CA CYS A 398 9.94 -1.15 2.33
C CYS A 398 9.97 -1.82 3.68
N PHE A 399 10.80 -1.34 4.60
CA PHE A 399 10.94 -2.00 5.88
C PHE A 399 9.74 -1.76 6.78
N ALA A 400 9.15 -0.56 6.76
CA ALA A 400 7.91 -0.35 7.49
C ALA A 400 6.83 -1.31 7.01
N ASN A 401 6.54 -1.31 5.71
CA ASN A 401 5.48 -2.17 5.22
C ASN A 401 5.81 -3.65 5.28
N MET A 402 7.09 -4.02 5.26
CA MET A 402 7.41 -5.44 5.42
C MET A 402 7.18 -5.87 6.86
N GLY A 403 7.51 -4.99 7.82
CA GLY A 403 7.15 -5.28 9.20
C GLY A 403 5.66 -5.53 9.36
N ILE A 404 4.83 -4.60 8.87
CA ILE A 404 3.40 -4.79 9.05
C ILE A 404 2.87 -5.98 8.26
N ALA A 405 3.44 -6.28 7.09
CA ALA A 405 2.97 -7.38 6.26
C ALA A 405 3.42 -8.73 6.74
N MET A 406 4.50 -8.81 7.52
CA MET A 406 4.86 -10.03 8.22
C MET A 406 4.10 -10.18 9.52
N LEU A 407 3.70 -9.07 10.15
CA LEU A 407 2.95 -9.16 11.39
C LEU A 407 1.53 -9.63 11.15
N GLU A 408 0.83 -9.08 10.16
CA GLU A 408 -0.58 -9.43 9.97
C GLU A 408 -0.89 -10.92 9.92
N PRO A 409 -0.20 -11.69 9.09
CA PRO A 409 -0.55 -13.12 9.07
C PRO A 409 0.05 -13.94 10.21
N ALA A 410 1.13 -13.46 10.82
CA ALA A 410 1.78 -14.23 11.87
C ALA A 410 1.10 -14.03 13.21
N LEU A 411 0.47 -12.87 13.41
CA LEU A 411 -0.18 -12.60 14.70
C LEU A 411 -1.32 -13.55 15.02
N PRO A 412 -2.23 -13.89 14.09
CA PRO A 412 -3.27 -14.87 14.45
C PRO A 412 -2.72 -16.25 14.75
N ILE A 413 -1.69 -16.69 14.03
CA ILE A 413 -1.12 -18.02 14.26
C ILE A 413 -0.49 -18.09 15.65
N TRP A 414 -0.09 -16.96 16.20
CA TRP A 414 0.46 -16.96 17.55
C TRP A 414 -0.63 -16.74 18.59
N MET A 415 -1.67 -16.00 18.23
CA MET A 415 -2.74 -15.72 19.20
C MET A 415 -3.49 -16.99 19.58
N MET A 416 -3.74 -17.86 18.61
CA MET A 416 -4.43 -19.11 18.90
C MET A 416 -3.57 -20.08 19.71
N GLU A 417 -2.26 -19.86 19.77
CA GLU A 417 -1.36 -20.74 20.49
C GLU A 417 -1.04 -20.24 21.89
N THR A 418 -0.89 -18.94 22.07
CA THR A 418 -0.55 -18.38 23.38
C THR A 418 -1.76 -17.91 24.15
N MET A 419 -2.68 -17.19 23.51
CA MET A 419 -3.78 -16.54 24.21
C MET A 419 -5.07 -17.35 24.19
N CYS A 420 -5.14 -18.43 23.41
CA CYS A 420 -6.34 -19.26 23.31
C CYS A 420 -7.55 -18.42 22.86
N SER A 421 -7.29 -17.52 21.93
CA SER A 421 -8.34 -16.61 21.51
C SER A 421 -9.36 -17.20 20.55
N ARG A 422 -10.58 -16.69 20.62
CA ARG A 422 -11.62 -17.15 19.72
C ARG A 422 -11.37 -16.59 18.34
N LYS A 423 -12.20 -16.98 17.38
CA LYS A 423 -11.97 -16.54 16.00
C LYS A 423 -12.38 -15.08 15.79
N TRP A 424 -13.37 -14.60 16.53
CA TRP A 424 -13.71 -13.18 16.43
C TRP A 424 -12.60 -12.31 16.98
N GLN A 425 -11.89 -12.81 18.01
CA GLN A 425 -10.76 -12.09 18.56
C GLN A 425 -9.67 -11.88 17.52
N LEU A 426 -9.47 -12.89 16.65
CA LEU A 426 -8.40 -12.80 15.66
C LEU A 426 -8.68 -11.69 14.65
N GLY A 427 -9.95 -11.49 14.33
CA GLY A 427 -10.31 -10.44 13.40
C GLY A 427 -10.33 -9.07 14.05
N VAL A 428 -10.65 -9.03 15.36
CA VAL A 428 -10.73 -7.74 16.03
C VAL A 428 -9.35 -7.23 16.46
N ALA A 429 -8.40 -8.15 16.71
CA ALA A 429 -7.10 -7.72 17.25
C ALA A 429 -6.31 -6.89 16.26
N PHE A 430 -6.69 -6.89 14.99
CA PHE A 430 -5.92 -6.14 14.01
C PHE A 430 -6.61 -4.85 13.59
N LEU A 431 -7.74 -4.53 14.23
CA LEU A 431 -8.45 -3.31 13.91
C LEU A 431 -7.61 -2.06 14.23
N PRO A 432 -6.93 -1.99 15.40
CA PRO A 432 -6.17 -0.77 15.71
C PRO A 432 -5.17 -0.39 14.64
N ALA A 433 -4.63 -1.38 13.93
CA ALA A 433 -3.64 -1.10 12.90
C ALA A 433 -4.25 -0.28 11.77
N SER A 434 -5.40 -0.70 11.27
CA SER A 434 -6.02 -0.01 10.14
C SER A 434 -6.57 1.36 10.51
N ILE A 435 -7.27 1.47 11.62
CA ILE A 435 -7.78 2.76 12.08
C ILE A 435 -6.63 3.71 12.36
N SER A 436 -5.56 3.20 12.98
CA SER A 436 -4.40 4.03 13.28
C SER A 436 -3.66 4.45 12.03
N TYR A 437 -3.58 3.58 11.02
CA TYR A 437 -2.96 3.97 9.76
C TYR A 437 -3.77 5.05 9.07
N LEU A 438 -5.10 4.94 9.13
CA LEU A 438 -5.97 5.98 8.59
C LEU A 438 -5.69 7.33 9.26
N ILE A 439 -5.76 7.36 10.60
CA ILE A 439 -5.50 8.59 11.33
C ILE A 439 -4.10 9.11 11.05
N GLY A 440 -3.11 8.21 11.03
CA GLY A 440 -1.74 8.63 10.84
C GLY A 440 -1.49 9.27 9.49
N THR A 441 -1.97 8.62 8.43
CA THR A 441 -1.79 9.20 7.10
C THR A 441 -2.50 10.53 6.98
N ASN A 442 -3.77 10.58 7.39
CA ASN A 442 -4.54 11.80 7.18
C ASN A 442 -4.02 12.97 8.01
N ILE A 443 -3.40 12.68 9.16
CA ILE A 443 -2.86 13.76 9.98
C ILE A 443 -1.47 14.15 9.51
N PHE A 444 -0.64 13.17 9.16
CA PHE A 444 0.76 13.49 8.92
C PHE A 444 1.03 13.94 7.50
N GLY A 445 0.12 13.70 6.55
CA GLY A 445 0.24 14.39 5.28
C GLY A 445 0.38 15.88 5.48
N ILE A 446 -0.29 16.40 6.50
CA ILE A 446 -0.25 17.83 6.75
C ILE A 446 0.77 18.19 7.81
N LEU A 447 1.06 17.26 8.71
CA LEU A 447 1.98 17.60 9.79
C LEU A 447 3.44 17.44 9.40
N ALA A 448 3.77 16.52 8.49
CA ALA A 448 5.16 16.19 8.21
C ALA A 448 5.93 17.34 7.60
N HIS A 449 5.29 18.17 6.79
CA HIS A 449 6.02 19.28 6.20
C HIS A 449 6.26 20.41 7.18
N LYS A 450 5.44 20.52 8.22
CA LYS A 450 5.74 21.48 9.28
C LYS A 450 6.81 20.93 10.20
N MET A 451 6.78 19.64 10.48
CA MET A 451 7.78 19.01 11.34
C MET A 451 9.08 18.77 10.59
N GLY A 452 8.99 18.47 9.30
CA GLY A 452 10.16 18.07 8.53
C GLY A 452 10.03 16.61 8.16
N ARG A 453 9.99 16.31 6.87
CA ARG A 453 9.71 14.94 6.44
C ARG A 453 10.76 13.96 6.94
N TRP A 454 12.01 14.38 7.02
CA TRP A 454 13.05 13.50 7.52
C TRP A 454 12.79 13.11 8.98
N LEU A 455 12.38 14.08 9.80
CA LEU A 455 12.16 13.80 11.21
C LEU A 455 10.91 12.95 11.40
N CYS A 456 9.87 13.21 10.62
CA CYS A 456 8.68 12.38 10.70
C CYS A 456 8.98 10.95 10.29
N ALA A 457 9.80 10.76 9.26
CA ALA A 457 10.16 9.40 8.86
C ALA A 457 11.01 8.70 9.91
N LEU A 458 11.98 9.41 10.48
CA LEU A 458 12.81 8.85 11.55
C LEU A 458 11.97 8.40 12.73
N LEU A 459 11.09 9.28 13.20
CA LEU A 459 10.25 8.95 14.35
C LEU A 459 9.26 7.83 14.01
N GLY A 460 8.73 7.79 12.78
CA GLY A 460 7.86 6.69 12.40
C GLY A 460 8.58 5.37 12.39
N MET A 461 9.83 5.36 11.90
CA MET A 461 10.62 4.13 11.92
C MET A 461 10.89 3.67 13.34
N ILE A 462 11.28 4.60 14.22
CA ILE A 462 11.56 4.21 15.60
C ILE A 462 10.30 3.73 16.31
N ILE A 463 9.14 4.33 16.02
CA ILE A 463 7.92 3.90 16.67
C ILE A 463 7.45 2.54 16.14
N VAL A 464 7.57 2.30 14.84
CA VAL A 464 7.30 0.95 14.32
C VAL A 464 8.20 -0.07 15.00
N GLY A 465 9.49 0.24 15.10
CA GLY A 465 10.42 -0.66 15.75
C GLY A 465 10.03 -0.97 17.18
N VAL A 466 9.77 0.06 17.98
CA VAL A 466 9.45 -0.16 19.40
C VAL A 466 8.13 -0.91 19.54
N SER A 467 7.13 -0.50 18.78
CA SER A 467 5.84 -1.14 18.85
C SER A 467 5.92 -2.62 18.51
N ILE A 468 6.66 -2.96 17.47
CA ILE A 468 6.78 -4.37 17.09
C ILE A 468 7.64 -5.12 18.09
N LEU A 469 8.66 -4.49 18.65
CA LEU A 469 9.40 -5.08 19.75
C LEU A 469 8.54 -5.31 20.98
N CYS A 470 7.40 -4.62 21.10
CA CYS A 470 6.55 -4.72 22.28
C CYS A 470 5.27 -5.51 22.07
N ILE A 471 5.12 -6.23 20.96
CA ILE A 471 3.97 -7.10 20.75
C ILE A 471 4.15 -8.44 21.45
N PRO A 472 5.29 -9.13 21.33
CA PRO A 472 5.42 -10.44 21.99
C PRO A 472 5.31 -10.41 23.50
N PHE A 473 5.33 -9.23 24.13
CA PHE A 473 5.26 -9.13 25.57
C PHE A 473 3.83 -9.09 26.09
N ALA A 474 2.85 -9.17 25.19
CA ALA A 474 1.43 -9.05 25.56
C ALA A 474 0.88 -10.43 25.87
N LYS A 475 0.15 -10.53 26.98
CA LYS A 475 -0.42 -11.81 27.40
C LYS A 475 -1.84 -12.03 26.93
N ASN A 476 -2.64 -10.96 26.93
CA ASN A 476 -4.04 -11.04 26.53
C ASN A 476 -4.34 -10.12 25.36
N ILE A 477 -5.55 -10.21 24.82
CA ILE A 477 -5.91 -9.40 23.67
C ILE A 477 -5.85 -7.91 23.96
N TYR A 478 -6.13 -7.49 25.18
CA TYR A 478 -5.98 -6.08 25.54
C TYR A 478 -4.54 -5.63 25.55
N GLY A 479 -3.60 -6.57 25.48
CA GLY A 479 -2.20 -6.22 25.35
C GLY A 479 -1.74 -5.99 23.94
N LEU A 480 -2.57 -6.31 22.95
CA LEU A 480 -2.27 -6.04 21.55
C LEU A 480 -3.06 -4.88 20.98
N ILE A 481 -3.52 -3.96 21.84
CA ILE A 481 -4.22 -2.77 21.36
C ILE A 481 -3.22 -1.63 21.22
N ALA A 482 -2.51 -1.32 22.30
CA ALA A 482 -1.52 -0.25 22.26
C ALA A 482 -0.37 -0.51 21.30
N PRO A 483 0.27 -1.68 21.29
CA PRO A 483 1.36 -1.88 20.32
C PRO A 483 0.88 -1.92 18.88
N ASN A 484 -0.28 -2.50 18.60
CA ASN A 484 -0.80 -2.47 17.23
C ASN A 484 -1.17 -1.06 16.82
N PHE A 485 -1.71 -0.28 17.74
CA PHE A 485 -1.96 1.13 17.45
C PHE A 485 -0.67 1.84 17.08
N GLY A 486 0.39 1.64 17.88
CA GLY A 486 1.66 2.26 17.56
C GLY A 486 2.19 1.82 16.21
N VAL A 487 2.09 0.52 15.91
CA VAL A 487 2.56 0.00 14.64
C VAL A 487 1.86 0.71 13.48
N GLY A 488 0.53 0.72 13.48
CA GLY A 488 -0.19 1.31 12.37
C GLY A 488 0.02 2.81 12.27
N PHE A 489 -0.06 3.50 13.41
CA PHE A 489 0.17 4.94 13.45
C PHE A 489 1.50 5.30 12.84
N ALA A 490 2.54 4.52 13.16
CA ALA A 490 3.87 4.85 12.65
C ALA A 490 4.07 4.39 11.21
N ILE A 491 3.40 3.33 10.77
CA ILE A 491 3.42 3.03 9.34
C ILE A 491 2.87 4.19 8.54
N GLY A 492 1.78 4.80 9.03
CA GLY A 492 1.27 6.01 8.40
C GLY A 492 2.24 7.18 8.50
N MET A 493 2.79 7.39 9.70
CA MET A 493 3.82 8.40 9.92
C MET A 493 5.00 8.26 8.96
N VAL A 494 5.26 7.06 8.46
CA VAL A 494 6.38 6.86 7.55
C VAL A 494 5.94 7.02 6.10
N ASP A 495 4.84 6.40 5.70
CA ASP A 495 4.40 6.46 4.30
C ASP A 495 3.94 7.84 3.88
N SER A 496 3.20 8.53 4.72
CA SER A 496 2.77 9.89 4.41
C SER A 496 3.90 10.89 4.47
N SER A 497 5.09 10.49 4.93
CA SER A 497 6.25 11.36 4.92
C SER A 497 7.25 11.00 3.83
N MET A 498 7.24 9.75 3.36
CA MET A 498 8.22 9.31 2.39
C MET A 498 7.68 9.21 0.97
N MET A 499 6.37 9.34 0.74
CA MET A 499 5.94 9.45 -0.66
C MET A 499 6.18 10.85 -1.22
N PRO A 500 5.70 11.91 -0.54
CA PRO A 500 6.01 13.25 -1.03
C PRO A 500 7.50 13.50 -1.14
N ILE A 501 8.31 12.79 -0.37
CA ILE A 501 9.73 13.03 -0.42
C ILE A 501 10.23 12.40 -1.69
N MET A 502 9.64 11.29 -2.09
CA MET A 502 10.02 10.71 -3.38
C MET A 502 9.81 11.73 -4.49
N GLY A 503 8.61 12.32 -4.54
CA GLY A 503 8.37 13.35 -5.53
C GLY A 503 9.35 14.51 -5.43
N TYR A 504 9.66 14.92 -4.20
CA TYR A 504 10.56 16.05 -3.98
C TYR A 504 11.99 15.72 -4.39
N LEU A 505 12.46 14.51 -4.08
CA LEU A 505 13.82 14.13 -4.44
C LEU A 505 13.97 14.08 -5.94
N VAL A 506 12.94 13.62 -6.65
CA VAL A 506 13.02 13.65 -8.11
C VAL A 506 13.02 15.08 -8.63
N ASP A 507 12.17 15.94 -8.07
CA ASP A 507 12.12 17.33 -8.51
C ASP A 507 13.45 18.03 -8.31
N LEU A 508 14.08 17.81 -7.16
CA LEU A 508 15.24 18.58 -6.76
C LEU A 508 16.51 18.18 -7.48
N ARG A 509 16.70 16.89 -7.71
CA ARG A 509 17.94 16.40 -8.31
C ARG A 509 17.78 15.98 -9.76
N HIS A 510 16.81 15.11 -10.05
CA HIS A 510 16.60 14.60 -11.40
C HIS A 510 15.56 15.45 -12.13
N VAL A 511 15.06 14.96 -13.24
CA VAL A 511 14.06 15.64 -14.05
C VAL A 511 12.69 15.45 -13.42
N SER A 512 11.83 16.47 -13.56
CA SER A 512 10.50 16.41 -12.97
C SER A 512 9.55 15.47 -13.68
N VAL A 513 9.79 14.17 -13.59
CA VAL A 513 8.87 13.18 -14.13
C VAL A 513 8.67 12.25 -12.98
N TYR A 514 7.45 11.98 -12.58
CA TYR A 514 7.18 11.22 -11.38
C TYR A 514 6.69 9.80 -11.63
N GLY A 515 6.76 9.32 -12.84
CA GLY A 515 6.22 8.01 -13.09
C GLY A 515 7.10 6.93 -12.53
N SER A 516 8.39 7.01 -12.79
CA SER A 516 9.31 5.97 -12.36
C SER A 516 9.53 6.00 -10.87
N VAL A 517 9.79 7.16 -10.29
CA VAL A 517 10.08 7.20 -8.87
C VAL A 517 8.92 6.66 -8.05
N TYR A 518 7.68 6.88 -8.52
CA TYR A 518 6.55 6.29 -7.80
C TYR A 518 6.34 4.83 -8.17
N ALA A 519 6.84 4.40 -9.33
CA ALA A 519 6.99 2.96 -9.57
C ALA A 519 7.98 2.34 -8.59
N ILE A 520 9.06 3.05 -8.27
CA ILE A 520 10.01 2.58 -7.26
C ILE A 520 9.36 2.52 -5.88
N ALA A 521 8.60 3.56 -5.52
CA ALA A 521 7.92 3.56 -4.24
C ALA A 521 6.92 2.41 -4.15
N ASP A 522 6.21 2.13 -5.24
CA ASP A 522 5.25 1.03 -5.26
C ASP A 522 5.93 -0.32 -5.31
N VAL A 523 7.20 -0.37 -5.67
CA VAL A 523 7.92 -1.63 -5.64
C VAL A 523 8.35 -1.84 -4.22
N ALA A 524 8.69 -0.75 -3.55
CA ALA A 524 9.03 -0.86 -2.13
C ALA A 524 7.84 -1.31 -1.31
N PHE A 525 6.65 -0.78 -1.62
CA PHE A 525 5.43 -1.25 -0.98
C PHE A 525 5.24 -2.76 -1.22
N CYS A 526 5.26 -3.17 -2.49
CA CYS A 526 4.87 -4.52 -2.87
C CYS A 526 5.87 -5.58 -2.45
N MET A 527 7.14 -5.23 -2.29
CA MET A 527 8.12 -6.19 -1.78
C MET A 527 7.67 -6.78 -0.45
N GLY A 528 7.20 -5.92 0.45
CA GLY A 528 6.72 -6.39 1.73
C GLY A 528 5.53 -7.32 1.61
N TYR A 529 4.51 -6.91 0.86
CA TYR A 529 3.30 -7.73 0.78
C TYR A 529 3.49 -8.98 -0.08
N ALA A 530 4.60 -9.07 -0.80
CA ALA A 530 4.91 -10.28 -1.54
C ALA A 530 5.71 -11.27 -0.70
N ILE A 531 6.74 -10.82 -0.01
CA ILE A 531 7.56 -11.73 0.77
C ILE A 531 7.19 -11.72 2.24
N GLY A 532 6.04 -11.15 2.59
CA GLY A 532 5.62 -11.10 3.97
C GLY A 532 5.09 -12.41 4.50
N PRO A 533 3.97 -12.87 3.97
CA PRO A 533 3.39 -14.14 4.44
C PRO A 533 4.40 -15.28 4.46
N SER A 534 5.03 -15.56 3.33
CA SER A 534 5.93 -16.69 3.20
C SER A 534 7.12 -16.61 4.14
N ALA A 535 7.91 -15.54 4.05
CA ALA A 535 9.11 -15.45 4.86
C ALA A 535 8.78 -15.32 6.35
N GLY A 536 7.71 -14.59 6.67
CA GLY A 536 7.31 -14.46 8.06
C GLY A 536 6.88 -15.79 8.66
N GLY A 537 6.08 -16.56 7.93
CA GLY A 537 5.71 -17.87 8.40
C GLY A 537 6.90 -18.80 8.52
N ALA A 538 7.85 -18.69 7.59
CA ALA A 538 9.04 -19.54 7.67
C ALA A 538 9.86 -19.22 8.91
N ILE A 539 10.09 -17.92 9.18
CA ILE A 539 10.87 -17.55 10.35
C ILE A 539 10.13 -17.93 11.63
N ALA A 540 8.81 -17.73 11.68
CA ALA A 540 8.06 -18.08 12.87
C ALA A 540 8.02 -19.58 13.08
N LYS A 541 8.11 -20.35 12.01
CA LYS A 541 8.02 -21.80 12.12
C LYS A 541 9.35 -22.36 12.52
N ALA A 542 10.39 -21.56 12.39
CA ALA A 542 11.73 -22.04 12.67
C ALA A 542 12.24 -21.58 14.02
N ILE A 543 12.18 -20.28 14.27
CA ILE A 543 12.70 -19.74 15.52
C ILE A 543 11.61 -19.09 16.37
N GLY A 544 10.35 -19.21 15.96
CA GLY A 544 9.28 -18.69 16.77
C GLY A 544 8.84 -17.30 16.35
N PHE A 545 7.70 -16.88 16.88
CA PHE A 545 7.11 -15.58 16.59
C PHE A 545 7.76 -14.45 17.39
N PRO A 546 8.04 -14.62 18.69
CA PRO A 546 8.75 -13.56 19.41
C PRO A 546 10.06 -13.15 18.77
N TRP A 547 10.85 -14.10 18.29
CA TRP A 547 12.11 -13.76 17.66
C TRP A 547 11.91 -13.07 16.32
N LEU A 548 10.87 -13.46 15.57
CA LEU A 548 10.57 -12.74 14.33
C LEU A 548 10.24 -11.29 14.62
N MET A 549 9.41 -11.04 15.63
CA MET A 549 9.06 -9.66 15.97
C MET A 549 10.27 -8.89 16.49
N THR A 550 11.13 -9.55 17.26
CA THR A 550 12.33 -8.87 17.73
C THR A 550 13.26 -8.52 16.57
N ILE A 551 13.40 -9.42 15.59
CA ILE A 551 14.23 -9.15 14.43
C ILE A 551 13.68 -7.95 13.66
N ILE A 552 12.37 -7.94 13.41
CA ILE A 552 11.79 -6.84 12.65
C ILE A 552 11.94 -5.52 13.40
N GLY A 553 11.71 -5.53 14.71
CA GLY A 553 11.90 -4.31 15.47
C GLY A 553 13.33 -3.83 15.46
N ILE A 554 14.28 -4.74 15.60
CA ILE A 554 15.69 -4.37 15.59
C ILE A 554 16.07 -3.77 14.24
N ILE A 555 15.57 -4.36 13.15
CA ILE A 555 15.89 -3.85 11.82
C ILE A 555 15.31 -2.46 11.63
N ASP A 556 14.08 -2.25 12.09
CA ASP A 556 13.46 -0.93 11.93
C ASP A 556 14.17 0.14 12.75
N ILE A 557 14.52 -0.19 14.00
CA ILE A 557 15.20 0.79 14.84
C ILE A 557 16.59 1.10 14.28
N LEU A 558 17.28 0.08 13.77
CA LEU A 558 18.61 0.32 13.23
C LEU A 558 18.57 1.02 11.88
N PHE A 559 17.46 0.89 11.15
CA PHE A 559 17.32 1.60 9.89
C PHE A 559 16.95 3.05 10.12
N ALA A 560 16.21 3.34 11.18
CA ALA A 560 15.78 4.70 11.50
C ALA A 560 16.87 5.77 11.39
N PRO A 561 18.09 5.60 11.89
CA PRO A 561 19.07 6.68 11.79
C PRO A 561 19.45 7.03 10.38
N LEU A 562 19.18 6.15 9.41
CA LEU A 562 19.50 6.46 8.02
C LEU A 562 18.58 7.50 7.41
N CYS A 563 17.43 7.76 8.02
CA CYS A 563 16.56 8.83 7.55
C CYS A 563 17.09 10.20 7.91
N PHE A 564 18.18 10.28 8.68
CA PHE A 564 18.83 11.55 8.94
C PHE A 564 19.41 12.12 7.65
N PHE A 565 19.71 11.27 6.68
CA PHE A 565 20.34 11.72 5.45
C PHE A 565 19.32 12.28 4.47
N LEU A 566 18.11 12.55 4.95
CA LEU A 566 17.07 13.16 4.14
C LEU A 566 16.78 14.59 4.54
N ARG A 567 17.58 15.14 5.47
CA ARG A 567 17.33 16.50 5.95
C ARG A 567 17.56 17.52 4.84
N SER A 568 18.77 17.50 4.25
CA SER A 568 19.14 18.45 3.21
C SER A 568 19.98 17.74 2.16
N PRO A 569 19.34 17.00 1.26
CA PRO A 569 20.09 16.37 0.17
C PRO A 569 20.49 17.41 -0.85
N PRO A 570 21.69 17.28 -1.42
CA PRO A 570 22.17 18.30 -2.37
C PRO A 570 21.46 18.20 -3.71
N ALA A 571 21.40 19.35 -4.38
CA ALA A 571 20.76 19.43 -5.69
C ALA A 571 21.71 18.98 -6.79
#